data_5E7N
#
_entry.id   5E7N
#
_cell.length_a   38.560
_cell.length_b   53.260
_cell.length_c   54.480
_cell.angle_alpha   90.00
_cell.angle_beta   90.00
_cell.angle_gamma   90.00
#
_symmetry.space_group_name_H-M   'P 21 21 21'
#
loop_
_entity.id
_entity.type
_entity.pdbx_description
1 polymer 'Replication protein A 70 kDa DNA-binding subunit'
2 non-polymer '2-({3-[(4-bromophenyl)sulfamoyl]-4-methylbenzoyl}amino)benzoic acid'
3 water water
#
_entity_poly.entity_id   1
_entity_poly.type   'polypeptide(L)'
_entity_poly.pdbx_seq_one_letter_code
;GSHMVGQLSRGAIAAIMQKGDTNIKPILQVINIRPITTGNSPPRYRLLMSDGLNTLSSFMLATQLNPLVEEEQLSSNCVC
QIHRFIVNTLKDGRRVVILMELEVLKSAEAVGVKIGNPVPYNE
;
_entity_poly.pdbx_strand_id   A
#
# COMPACT_ATOMS: atom_id res chain seq x y z
N GLY A 1 2.19 -21.01 2.31
CA GLY A 1 3.56 -21.30 1.91
C GLY A 1 3.75 -21.18 0.41
N SER A 2 3.48 -22.28 -0.30
CA SER A 2 3.60 -22.31 -1.75
C SER A 2 2.59 -21.36 -2.38
N HIS A 3 2.74 -21.09 -3.68
CA HIS A 3 1.71 -20.34 -4.42
C HIS A 3 1.68 -18.93 -3.79
N MET A 4 2.85 -18.28 -3.77
CA MET A 4 3.02 -17.04 -2.99
C MET A 4 2.10 -15.93 -3.45
N VAL A 5 1.84 -15.83 -4.74
CA VAL A 5 0.98 -14.77 -5.23
C VAL A 5 -0.44 -14.96 -4.71
N GLY A 6 -0.77 -16.18 -4.31
CA GLY A 6 -2.06 -16.44 -3.69
C GLY A 6 -2.23 -15.79 -2.34
N GLN A 7 -1.17 -15.20 -1.79
CA GLN A 7 -1.25 -14.47 -0.54
C GLN A 7 -1.81 -13.06 -0.72
N LEU A 8 -1.85 -12.58 -1.96
CA LEU A 8 -2.20 -11.20 -2.23
C LEU A 8 -3.55 -11.12 -2.94
N SER A 9 -4.25 -10.01 -2.73
CA SER A 9 -5.57 -9.81 -3.29
C SER A 9 -5.51 -9.41 -4.77
N ARG A 10 -5.17 -10.38 -5.62
CA ARG A 10 -5.04 -10.13 -7.05
C ARG A 10 -6.32 -9.52 -7.56
N GLY A 11 -6.20 -8.37 -8.21
CA GLY A 11 -7.35 -7.64 -8.76
C GLY A 11 -7.82 -6.49 -7.89
N ALA A 12 -7.32 -6.36 -6.67
CA ALA A 12 -7.77 -5.29 -5.79
C ALA A 12 -7.39 -3.91 -6.28
N ILE A 13 -6.22 -3.76 -6.88
CA ILE A 13 -5.82 -2.45 -7.36
C ILE A 13 -6.77 -2.00 -8.47
N ALA A 14 -7.08 -2.87 -9.43
CA ALA A 14 -8.02 -2.54 -10.49
C ALA A 14 -9.39 -2.21 -9.90
N ALA A 15 -9.80 -2.97 -8.88
CA ALA A 15 -11.08 -2.73 -8.24
C ALA A 15 -11.12 -1.35 -7.60
N ILE A 16 -10.06 -0.99 -6.89
CA ILE A 16 -9.99 0.32 -6.25
C ILE A 16 -10.03 1.44 -7.29
N MET A 17 -9.25 1.29 -8.36
CA MET A 17 -9.11 2.37 -9.31
CA MET A 17 -9.07 2.32 -9.38
C MET A 17 -10.25 2.40 -10.34
N GLN A 18 -10.82 1.26 -10.69
CA GLN A 18 -11.90 1.23 -11.68
C GLN A 18 -13.28 1.38 -11.06
N LYS A 19 -13.50 0.74 -9.91
CA LYS A 19 -14.81 0.75 -9.27
C LYS A 19 -14.89 1.73 -8.09
N GLY A 20 -13.75 2.03 -7.47
CA GLY A 20 -13.74 2.89 -6.30
C GLY A 20 -14.31 2.17 -5.09
N ASP A 21 -14.24 0.83 -5.14
CA ASP A 21 -14.70 -0.01 -4.04
C ASP A 21 -13.91 0.27 -2.77
N THR A 22 -14.59 0.71 -1.71
CA THR A 22 -13.91 0.96 -0.43
C THR A 22 -14.31 -0.02 0.68
N ASN A 23 -15.18 -0.97 0.35
CA ASN A 23 -15.62 -1.96 1.32
C ASN A 23 -14.65 -3.13 1.45
N ILE A 24 -13.87 -3.37 0.40
CA ILE A 24 -12.88 -4.44 0.40
C ILE A 24 -11.79 -4.17 1.43
N LYS A 25 -11.17 -5.25 1.91
CA LYS A 25 -10.05 -5.17 2.84
C LYS A 25 -8.88 -5.94 2.24
N PRO A 26 -8.31 -5.40 1.17
CA PRO A 26 -7.38 -6.19 0.38
C PRO A 26 -6.05 -6.39 1.06
N ILE A 27 -5.40 -7.48 0.68
CA ILE A 27 -4.07 -7.81 1.16
C ILE A 27 -3.07 -7.48 0.04
N LEU A 28 -2.14 -6.60 0.38
CA LEU A 28 -1.17 -6.06 -0.58
C LEU A 28 0.23 -6.18 -0.03
N GLN A 29 1.21 -6.19 -0.92
CA GLN A 29 2.60 -6.21 -0.52
C GLN A 29 3.19 -4.82 -0.71
N VAL A 30 3.96 -4.37 0.27
CA VAL A 30 4.73 -3.15 0.12
C VAL A 30 5.97 -3.44 -0.72
N ILE A 31 6.12 -2.71 -1.82
CA ILE A 31 7.31 -2.84 -2.65
C ILE A 31 8.34 -1.80 -2.24
N ASN A 32 7.89 -0.57 -2.00
CA ASN A 32 8.78 0.50 -1.59
C ASN A 32 8.03 1.53 -0.77
N ILE A 33 8.76 2.23 0.09
CA ILE A 33 8.23 3.34 0.87
C ILE A 33 9.23 4.48 0.77
N ARG A 34 8.73 5.70 0.58
CA ARG A 34 9.58 6.87 0.41
C ARG A 34 8.93 8.06 1.12
N PRO A 35 9.73 8.90 1.79
CA PRO A 35 9.15 10.14 2.30
C PRO A 35 8.81 11.08 1.15
N ILE A 36 7.77 11.88 1.33
CA ILE A 36 7.45 12.95 0.39
C ILE A 36 8.06 14.22 0.93
N THR A 37 8.44 15.15 0.05
CA THR A 37 8.95 16.43 0.48
C THR A 37 7.86 17.22 1.18
N THR A 38 8.10 17.59 2.44
CA THR A 38 7.14 18.38 3.22
C THR A 38 7.84 19.57 3.87
N GLY A 39 7.05 20.53 4.32
CA GLY A 39 7.57 21.70 5.00
C GLY A 39 7.84 21.42 6.47
N ASN A 40 7.37 22.32 7.33
CA ASN A 40 7.53 22.16 8.78
C ASN A 40 6.50 21.17 9.35
N SER A 41 5.71 20.59 8.47
CA SER A 41 4.66 19.65 8.88
C SER A 41 5.22 18.25 9.06
N PRO A 42 4.44 17.35 9.68
CA PRO A 42 4.91 15.97 9.88
C PRO A 42 5.30 15.29 8.58
N PRO A 43 6.28 14.38 8.62
CA PRO A 43 6.66 13.67 7.40
C PRO A 43 5.47 12.91 6.85
N ARG A 44 5.43 12.75 5.54
CA ARG A 44 4.43 11.91 4.90
C ARG A 44 5.13 10.83 4.10
N TYR A 45 4.54 9.64 4.04
CA TYR A 45 5.13 8.51 3.35
C TYR A 45 4.26 8.04 2.20
N ARG A 46 4.89 7.87 1.05
CA ARG A 46 4.24 7.34 -0.16
C ARG A 46 4.69 5.91 -0.33
N LEU A 47 3.78 5.04 -0.77
CA LEU A 47 4.08 3.62 -0.93
C LEU A 47 3.79 3.15 -2.34
N LEU A 48 4.70 2.31 -2.82
CA LEU A 48 4.48 1.51 -4.03
C LEU A 48 4.00 0.16 -3.52
N MET A 49 2.74 -0.18 -3.83
N MET A 49 2.76 -0.22 -3.85
CA MET A 49 2.11 -1.42 -3.37
CA MET A 49 2.22 -1.49 -3.37
C MET A 49 1.86 -2.37 -4.54
C MET A 49 1.70 -2.35 -4.49
N SER A 50 1.70 -3.65 -4.23
CA SER A 50 1.40 -4.69 -5.20
C SER A 50 0.26 -5.56 -4.74
N ASP A 51 -0.63 -5.91 -5.66
CA ASP A 51 -1.67 -6.89 -5.35
C ASP A 51 -1.37 -8.23 -6.02
N GLY A 52 -0.16 -8.39 -6.54
CA GLY A 52 0.24 -9.60 -7.23
C GLY A 52 0.19 -9.47 -8.74
N LEU A 53 -0.78 -8.72 -9.24
CA LEU A 53 -0.95 -8.51 -10.68
C LEU A 53 -0.40 -7.16 -11.10
N ASN A 54 -0.74 -6.15 -10.28
CA ASN A 54 -0.35 -4.77 -10.52
C ASN A 54 0.42 -4.18 -9.36
N THR A 55 1.24 -3.19 -9.69
CA THR A 55 1.70 -2.23 -8.69
C THR A 55 1.01 -0.89 -8.92
N LEU A 56 0.92 -0.11 -7.85
CA LEU A 56 0.37 1.24 -7.91
C LEU A 56 1.22 2.10 -6.97
N SER A 57 1.60 3.28 -7.43
CA SER A 57 2.54 4.13 -6.69
C SER A 57 1.86 5.24 -5.90
N SER A 58 0.55 5.36 -6.01
CA SER A 58 -0.15 6.52 -5.44
C SER A 58 -0.82 6.24 -4.09
N PHE A 59 -0.18 5.40 -3.28
CA PHE A 59 -0.62 5.19 -1.91
C PHE A 59 0.09 6.16 -0.99
N MET A 60 -0.66 6.71 -0.03
CA MET A 60 -0.10 7.55 1.03
CA MET A 60 -0.11 7.54 1.02
C MET A 60 -0.55 7.04 2.37
N LEU A 61 0.37 7.01 3.32
CA LEU A 61 0.04 6.61 4.67
C LEU A 61 -0.62 7.77 5.40
N ALA A 62 -1.73 7.53 6.08
CA ALA A 62 -2.27 8.52 6.98
C ALA A 62 -1.21 8.81 8.05
N THR A 63 -1.12 10.06 8.49
CA THR A 63 -0.07 10.44 9.42
C THR A 63 -0.13 9.62 10.70
N GLN A 64 -1.34 9.22 11.11
CA GLN A 64 -1.49 8.40 12.32
C GLN A 64 -0.77 7.07 12.23
N LEU A 65 -0.44 6.63 11.01
CA LEU A 65 0.26 5.36 10.82
C LEU A 65 1.79 5.52 10.68
N ASN A 66 2.28 6.76 10.69
CA ASN A 66 3.73 6.99 10.58
C ASN A 66 4.60 6.13 11.52
N PRO A 67 4.14 5.90 12.77
CA PRO A 67 4.95 5.07 13.67
C PRO A 67 5.29 3.69 13.12
N LEU A 68 4.42 3.12 12.29
CA LEU A 68 4.69 1.81 11.70
CA LEU A 68 4.70 1.80 11.72
C LEU A 68 5.94 1.82 10.83
N VAL A 69 6.14 2.93 10.13
CA VAL A 69 7.32 3.08 9.28
C VAL A 69 8.54 3.40 10.13
N GLU A 70 8.37 4.31 11.08
N GLU A 70 8.43 4.36 11.04
CA GLU A 70 9.48 4.83 11.85
CA GLU A 70 9.62 4.79 11.79
C GLU A 70 10.04 3.83 12.86
C GLU A 70 10.13 3.66 12.69
N GLU A 71 9.24 2.81 13.19
CA GLU A 71 9.67 1.70 14.05
C GLU A 71 9.88 0.39 13.25
N GLU A 72 9.73 0.49 11.93
CA GLU A 72 10.14 -0.54 10.96
C GLU A 72 9.23 -1.76 10.79
N GLN A 73 8.07 -1.79 11.43
CA GLN A 73 7.14 -2.89 11.21
C GLN A 73 6.61 -2.85 9.79
N LEU A 74 6.48 -1.65 9.24
CA LEU A 74 6.06 -1.46 7.87
C LEU A 74 7.27 -1.10 7.03
N SER A 75 7.71 -2.04 6.18
CA SER A 75 8.85 -1.81 5.31
C SER A 75 8.76 -2.68 4.05
N SER A 76 9.64 -2.40 3.09
CA SER A 76 9.62 -3.10 1.82
C SER A 76 9.63 -4.62 1.98
N ASN A 77 8.73 -5.25 1.26
CA ASN A 77 8.47 -6.70 1.21
C ASN A 77 7.39 -7.17 2.15
N CYS A 78 7.02 -6.37 3.15
CA CYS A 78 6.01 -6.85 4.07
C CYS A 78 4.65 -6.98 3.39
N VAL A 79 3.80 -7.85 3.94
CA VAL A 79 2.46 -8.08 3.41
C VAL A 79 1.47 -7.56 4.44
N CYS A 80 0.54 -6.74 3.97
CA CYS A 80 -0.40 -6.12 4.89
CA CYS A 80 -0.38 -5.99 4.82
C CYS A 80 -1.82 -6.16 4.39
N GLN A 81 -2.73 -6.14 5.34
CA GLN A 81 -4.15 -6.06 5.04
C GLN A 81 -4.62 -4.63 5.28
N ILE A 82 -5.28 -4.05 4.30
CA ILE A 82 -5.78 -2.70 4.41
C ILE A 82 -7.18 -2.77 4.99
N HIS A 83 -7.35 -2.32 6.22
CA HIS A 83 -8.63 -2.38 6.91
C HIS A 83 -9.50 -1.16 6.64
N ARG A 84 -8.90 -0.02 6.31
CA ARG A 84 -9.65 1.19 6.00
C ARG A 84 -8.81 2.08 5.11
N PHE A 85 -9.41 2.55 4.03
CA PHE A 85 -8.74 3.49 3.13
C PHE A 85 -9.76 4.38 2.49
N ILE A 86 -9.30 5.51 1.99
CA ILE A 86 -10.14 6.38 1.18
C ILE A 86 -9.36 6.80 -0.05
N VAL A 87 -10.08 7.26 -1.06
CA VAL A 87 -9.46 7.74 -2.28
C VAL A 87 -9.74 9.23 -2.39
N ASN A 88 -8.69 10.02 -2.65
CA ASN A 88 -8.84 11.43 -2.83
C ASN A 88 -8.35 11.83 -4.20
N THR A 89 -9.05 12.76 -4.84
CA THR A 89 -8.71 13.20 -6.17
C THR A 89 -8.13 14.60 -6.12
N LEU A 90 -6.96 14.77 -6.71
CA LEU A 90 -6.27 16.05 -6.74
C LEU A 90 -6.83 16.92 -7.86
N LYS A 91 -6.47 18.19 -7.80
CA LYS A 91 -6.89 19.17 -8.79
C LYS A 91 -6.57 18.73 -10.21
N ASP A 92 -5.45 18.04 -10.38
CA ASP A 92 -4.98 17.69 -11.72
C ASP A 92 -5.60 16.40 -12.25
N GLY A 93 -6.38 15.72 -11.42
CA GLY A 93 -7.09 14.52 -11.81
C GLY A 93 -6.51 13.23 -11.26
N ARG A 94 -5.29 13.32 -10.72
CA ARG A 94 -4.64 12.15 -10.16
C ARG A 94 -5.36 11.72 -8.90
N ARG A 95 -5.43 10.43 -8.67
CA ARG A 95 -6.02 9.94 -7.45
C ARG A 95 -4.98 9.34 -6.54
N VAL A 96 -5.18 9.56 -5.26
CA VAL A 96 -4.30 9.03 -4.24
C VAL A 96 -5.13 8.20 -3.28
N VAL A 97 -4.59 7.05 -2.90
CA VAL A 97 -5.23 6.16 -1.97
C VAL A 97 -4.60 6.38 -0.60
N ILE A 98 -5.38 6.88 0.34
CA ILE A 98 -4.89 7.14 1.69
CA ILE A 98 -4.89 7.14 1.69
C ILE A 98 -5.19 5.94 2.57
N LEU A 99 -4.13 5.32 3.08
CA LEU A 99 -4.26 4.16 3.95
C LEU A 99 -4.48 4.63 5.37
N MET A 100 -5.63 4.29 5.93
CA MET A 100 -6.03 4.79 7.24
CA MET A 100 -6.03 4.80 7.25
C MET A 100 -5.82 3.79 8.36
N GLU A 101 -6.08 2.52 8.07
CA GLU A 101 -5.86 1.43 9.02
C GLU A 101 -5.26 0.30 8.25
N LEU A 102 -4.17 -0.25 8.76
CA LEU A 102 -3.56 -1.41 8.11
C LEU A 102 -2.92 -2.31 9.16
N GLU A 103 -2.92 -3.59 8.82
CA GLU A 103 -2.34 -4.64 9.64
C GLU A 103 -1.20 -5.28 8.89
N VAL A 104 -0.06 -5.43 9.54
CA VAL A 104 1.06 -6.14 8.92
C VAL A 104 0.87 -7.62 9.21
N LEU A 105 0.54 -8.39 8.18
CA LEU A 105 0.31 -9.83 8.33
C LEU A 105 1.59 -10.64 8.37
N LYS A 106 2.56 -10.25 7.54
N LYS A 106 2.58 -10.21 7.58
CA LYS A 106 3.87 -10.89 7.51
CA LYS A 106 3.86 -10.92 7.51
C LYS A 106 4.92 -9.81 7.39
C LYS A 106 4.95 -9.87 7.35
N SER A 107 5.94 -9.90 8.23
CA SER A 107 7.01 -8.93 8.22
C SER A 107 7.83 -9.03 6.95
N ALA A 108 8.54 -7.95 6.64
CA ALA A 108 9.44 -7.94 5.50
C ALA A 108 10.43 -9.10 5.59
N GLU A 109 10.93 -9.37 6.79
CA GLU A 109 11.96 -10.38 6.96
C GLU A 109 11.38 -11.77 6.71
N ALA A 110 10.11 -11.96 6.99
CA ALA A 110 9.45 -13.26 6.83
C ALA A 110 9.04 -13.53 5.39
N VAL A 111 8.92 -12.47 4.59
CA VAL A 111 8.53 -12.60 3.19
C VAL A 111 9.80 -12.59 2.32
N GLY A 112 10.58 -11.53 2.40
CA GLY A 112 11.94 -11.51 1.90
C GLY A 112 12.14 -11.21 0.43
N VAL A 113 11.05 -11.15 -0.35
CA VAL A 113 11.14 -10.99 -1.79
C VAL A 113 9.87 -10.34 -2.30
N LYS A 114 9.96 -9.65 -3.44
CA LYS A 114 8.77 -9.23 -4.16
C LYS A 114 8.05 -10.46 -4.70
N ILE A 115 6.78 -10.59 -4.36
CA ILE A 115 5.95 -11.73 -4.75
C ILE A 115 5.44 -11.58 -6.18
N GLY A 116 5.59 -12.63 -6.97
CA GLY A 116 5.07 -12.61 -8.33
C GLY A 116 5.81 -11.64 -9.22
N ASN A 117 5.14 -11.21 -10.29
CA ASN A 117 5.72 -10.29 -11.26
C ASN A 117 4.69 -9.22 -11.64
N PRO A 118 4.29 -8.41 -10.66
CA PRO A 118 3.29 -7.36 -10.91
C PRO A 118 3.78 -6.29 -11.88
N VAL A 119 2.87 -5.73 -12.66
CA VAL A 119 3.20 -4.66 -13.59
C VAL A 119 2.48 -3.36 -13.22
N PRO A 120 3.06 -2.21 -13.58
CA PRO A 120 2.44 -0.95 -13.20
C PRO A 120 1.02 -0.77 -13.72
N TYR A 121 0.11 -0.39 -12.84
CA TYR A 121 -1.23 -0.04 -13.24
C TYR A 121 -1.19 1.31 -13.94
N ASN A 122 -1.90 1.41 -15.06
CA ASN A 122 -1.92 2.65 -15.82
C ASN A 122 -3.03 3.58 -15.35
N GLU A 123 -2.65 4.57 -14.54
CA GLU A 123 -3.60 5.57 -14.07
C GLU A 123 -4.10 6.43 -15.22
#